data_1OX1
#
_entry.id   1OX1
#
_cell.length_a   63.700
_cell.length_b   63.140
_cell.length_c   69.470
_cell.angle_alpha   90.00
_cell.angle_beta   90.00
_cell.angle_gamma   90.00
#
_symmetry.space_group_name_H-M   'P 21 21 21'
#
loop_
_entity.id
_entity.type
_entity.pdbx_description
1 polymer 'Trypsinogen, cationic'
2 polymer '11-mer peptide'
3 non-polymer 'CALCIUM ION'
4 water water
#
loop_
_entity_poly.entity_id
_entity_poly.type
_entity_poly.pdbx_seq_one_letter_code
_entity_poly.pdbx_strand_id
1 'polypeptide(L)'
;IVGGYTCGANTVPYQVSLNSGYHFCGGSLINSQWVVSAAHCYKSGIQVRLGEDNINVVEGNEQFISASKSIVHPSYNSNT
LNNDIMLIKLKSAASLNSRVASISLPTSCASAGTQCLISGWGNTKSSGTSYPDVLKCLKAPILSDSSCKSAYPGQITSNM
FCAGYLEGGKDSCQGDSGGPVVCSGKLQGIVSWGSGCAQKNKPGVYTKVCNYVSWIKQTIASN
;
A
2 'polypeptide(L)' SCTRSIPPQCY B
#
loop_
_chem_comp.id
_chem_comp.type
_chem_comp.name
_chem_comp.formula
CA non-polymer 'CALCIUM ION' 'Ca 2'
#
# COMPACT_ATOMS: atom_id res chain seq x y z
N ILE A 1 -3.43 -8.45 5.88
CA ILE A 1 -2.73 -9.50 5.10
C ILE A 1 -3.22 -10.89 5.53
N VAL A 2 -3.71 -11.67 4.57
CA VAL A 2 -4.20 -13.03 4.82
C VAL A 2 -3.16 -14.05 4.39
N GLY A 3 -2.81 -14.97 5.28
CA GLY A 3 -1.85 -16.02 4.94
C GLY A 3 -0.41 -15.56 4.91
N GLY A 4 -0.11 -14.49 5.63
CA GLY A 4 1.26 -14.00 5.66
C GLY A 4 1.94 -14.38 6.96
N TYR A 5 2.97 -13.65 7.34
CA TYR A 5 3.72 -13.94 8.57
C TYR A 5 4.11 -12.64 9.28
N THR A 6 4.49 -12.74 10.55
CA THR A 6 4.90 -11.57 11.31
C THR A 6 6.24 -11.07 10.76
N CYS A 7 6.25 -9.84 10.24
CA CYS A 7 7.47 -9.29 9.67
C CYS A 7 8.68 -9.22 10.59
N GLY A 8 8.44 -8.79 11.83
CA GLY A 8 9.54 -8.60 12.78
C GLY A 8 9.61 -7.08 12.97
N ALA A 9 9.75 -6.59 14.21
CA ALA A 9 9.79 -5.16 14.45
C ALA A 9 10.77 -4.36 13.62
N ASN A 10 10.25 -3.37 12.89
CA ASN A 10 11.06 -2.48 12.06
C ASN A 10 11.85 -3.11 10.93
N THR A 11 11.42 -4.27 10.46
CA THR A 11 12.10 -4.93 9.35
C THR A 11 11.61 -4.36 8.01
N VAL A 12 10.58 -3.51 8.05
CA VAL A 12 10.03 -2.88 6.82
C VAL A 12 10.00 -1.40 7.25
N PRO A 13 11.18 -0.76 7.31
CA PRO A 13 11.33 0.63 7.74
C PRO A 13 10.63 1.74 6.96
N TYR A 14 10.17 1.44 5.73
CA TYR A 14 9.48 2.45 4.92
C TYR A 14 7.96 2.36 5.08
N GLN A 15 7.50 1.35 5.81
CA GLN A 15 6.06 1.18 6.01
C GLN A 15 5.47 2.20 6.97
N VAL A 16 4.39 2.89 6.58
CA VAL A 16 3.76 3.81 7.54
C VAL A 16 2.30 3.41 7.75
N SER A 17 1.71 3.87 8.84
CA SER A 17 0.30 3.64 9.14
C SER A 17 -0.37 5.02 9.09
N LEU A 18 -1.49 5.14 8.38
CA LEU A 18 -2.21 6.41 8.32
C LEU A 18 -3.26 6.28 9.43
N ASN A 19 -3.32 7.27 10.31
CA ASN A 19 -4.20 7.18 11.48
C ASN A 19 -5.10 8.39 11.70
N SER A 20 -6.35 8.13 12.05
CA SER A 20 -7.31 9.22 12.34
C SER A 20 -8.06 8.77 13.58
N GLY A 21 -7.34 8.36 14.61
CA GLY A 21 -7.98 7.87 15.81
C GLY A 21 -7.99 6.35 15.75
N TYR A 22 -7.53 5.82 14.63
CA TYR A 22 -7.45 4.36 14.37
C TYR A 22 -6.69 4.18 13.04
N HIS A 23 -6.13 3.00 12.84
CA HIS A 23 -5.40 2.70 11.62
C HIS A 23 -6.42 2.47 10.51
N PHE A 24 -6.27 3.13 9.38
CA PHE A 24 -7.21 2.92 8.27
C PHE A 24 -6.56 2.62 6.91
N CYS A 25 -5.27 2.94 6.74
CA CYS A 25 -4.59 2.65 5.48
C CYS A 25 -3.08 2.64 5.73
N GLY A 26 -2.34 2.06 4.81
CA GLY A 26 -0.89 2.07 4.95
C GLY A 26 -0.33 3.10 3.99
N GLY A 27 1.00 3.14 3.87
CA GLY A 27 1.61 4.08 2.95
C GLY A 27 3.09 3.76 2.96
N SER A 28 3.85 4.41 2.08
CA SER A 28 5.30 4.18 1.99
C SER A 28 6.05 5.49 2.06
N LEU A 29 7.10 5.52 2.87
CA LEU A 29 7.92 6.72 3.00
C LEU A 29 8.88 6.77 1.77
N ILE A 30 8.82 7.82 0.95
CA ILE A 30 9.74 7.88 -0.19
C ILE A 30 10.87 8.87 -0.01
N ASN A 31 10.77 9.72 1.02
CA ASN A 31 11.86 10.63 1.39
C ASN A 31 11.51 11.19 2.76
N SER A 32 12.36 12.02 3.33
CA SER A 32 12.10 12.49 4.69
C SER A 32 10.82 13.26 4.88
N GLN A 33 10.25 13.79 3.81
CA GLN A 33 9.01 14.56 3.96
C GLN A 33 7.79 14.12 3.14
N TRP A 34 7.90 13.01 2.42
CA TRP A 34 6.79 12.57 1.60
C TRP A 34 6.43 11.10 1.70
N VAL A 35 5.12 10.84 1.74
CA VAL A 35 4.62 9.49 1.81
C VAL A 35 3.77 9.22 0.55
N VAL A 36 3.81 8.01 0.01
CA VAL A 36 2.95 7.68 -1.14
C VAL A 36 1.90 6.71 -0.59
N SER A 37 0.64 6.89 -0.99
CA SER A 37 -0.43 6.01 -0.54
C SER A 37 -1.47 5.93 -1.66
N ALA A 38 -2.66 5.40 -1.36
CA ALA A 38 -3.70 5.30 -2.38
C ALA A 38 -4.65 6.48 -2.29
N ALA A 39 -5.15 6.93 -3.45
CA ALA A 39 -6.07 8.05 -3.46
C ALA A 39 -7.34 7.75 -2.68
N HIS A 40 -7.81 6.49 -2.69
CA HIS A 40 -9.05 6.20 -1.99
C HIS A 40 -8.87 6.23 -0.48
N CYS A 41 -7.64 6.43 -0.01
CA CYS A 41 -7.42 6.52 1.43
C CYS A 41 -7.53 7.99 1.86
N TYR A 42 -7.78 8.88 0.91
CA TYR A 42 -7.84 10.28 1.27
C TYR A 42 -8.92 10.65 2.30
N LYS A 43 -8.54 11.52 3.23
CA LYS A 43 -9.47 12.11 4.22
C LYS A 43 -8.72 13.25 4.90
N SER A 44 -9.43 14.15 5.59
CA SER A 44 -8.73 15.22 6.27
C SER A 44 -8.32 14.70 7.65
N GLY A 45 -7.44 15.39 8.34
CA GLY A 45 -7.05 14.96 9.67
C GLY A 45 -6.24 13.69 9.74
N ILE A 46 -5.28 13.56 8.83
CA ILE A 46 -4.44 12.37 8.82
C ILE A 46 -3.17 12.55 9.64
N GLN A 47 -2.89 11.58 10.50
CA GLN A 47 -1.65 11.61 11.26
C GLN A 47 -0.81 10.44 10.71
N VAL A 48 0.42 10.72 10.30
CA VAL A 48 1.25 9.67 9.74
C VAL A 48 2.09 9.09 10.87
N ARG A 49 2.06 7.77 11.01
CA ARG A 49 2.82 7.11 12.07
C ARG A 49 3.92 6.26 11.46
N LEU A 50 5.16 6.66 11.73
CA LEU A 50 6.35 5.95 11.20
C LEU A 50 7.04 5.14 12.31
N GLY A 51 7.83 4.15 11.90
CA GLY A 51 8.55 3.32 12.85
C GLY A 51 7.66 2.42 13.69
N GLU A 52 6.43 2.17 13.23
CA GLU A 52 5.50 1.32 13.98
C GLU A 52 5.67 -0.20 13.79
N ASP A 53 5.36 -0.96 14.84
CA ASP A 53 5.27 -2.41 14.73
C ASP A 53 3.91 -2.78 15.33
N ASN A 54 3.76 -2.65 16.64
CA ASN A 54 2.46 -2.91 17.31
C ASN A 54 1.75 -1.57 17.26
N ILE A 55 0.68 -1.43 16.47
CA ILE A 55 0.02 -0.12 16.38
C ILE A 55 -0.84 0.26 17.56
N ASN A 56 -0.99 -0.65 18.52
CA ASN A 56 -1.82 -0.35 19.69
C ASN A 56 -1.02 0.00 20.93
N VAL A 57 0.30 -0.13 20.86
CA VAL A 57 1.14 0.14 22.02
C VAL A 57 2.34 0.98 21.63
N VAL A 58 2.69 1.99 22.42
CA VAL A 58 3.89 2.79 22.15
C VAL A 58 5.04 1.93 22.71
N GLU A 59 5.98 1.53 21.86
CA GLU A 59 7.09 0.66 22.29
C GLU A 59 8.45 1.28 22.10
N GLY A 60 8.50 2.36 21.34
CA GLY A 60 9.75 3.03 21.06
C GLY A 60 9.97 3.02 19.56
N ASN A 61 10.66 4.03 19.05
CA ASN A 61 10.97 4.18 17.64
C ASN A 61 9.87 4.81 16.83
N GLU A 62 8.68 4.98 17.41
CA GLU A 62 7.59 5.59 16.65
C GLU A 62 7.81 7.11 16.49
N GLN A 63 7.31 7.65 15.39
CA GLN A 63 7.33 9.09 15.13
C GLN A 63 5.93 9.34 14.58
N PHE A 64 5.19 10.25 15.23
CA PHE A 64 3.85 10.60 14.80
C PHE A 64 3.98 11.99 14.19
N ILE A 65 3.59 12.15 12.93
CA ILE A 65 3.72 13.45 12.28
C ILE A 65 2.45 13.74 11.53
N SER A 66 1.95 14.95 11.67
CA SER A 66 0.72 15.33 10.96
C SER A 66 0.96 15.54 9.49
N ALA A 67 -0.06 15.24 8.70
CA ALA A 67 0.03 15.46 7.26
C ALA A 67 -0.16 16.96 7.08
N SER A 68 0.67 17.55 6.25
CA SER A 68 0.56 18.98 5.97
C SER A 68 -0.43 19.14 4.80
N LYS A 69 -0.38 18.21 3.85
CA LYS A 69 -1.29 18.25 2.73
C LYS A 69 -1.31 16.90 2.05
N SER A 70 -2.43 16.61 1.42
CA SER A 70 -2.61 15.35 0.73
C SER A 70 -2.94 15.72 -0.70
N ILE A 71 -2.24 15.11 -1.64
CA ILE A 71 -2.43 15.40 -3.05
C ILE A 71 -2.89 14.15 -3.79
N VAL A 72 -4.18 14.09 -4.07
CA VAL A 72 -4.77 12.99 -4.80
C VAL A 72 -4.50 13.27 -6.27
N HIS A 73 -4.19 12.23 -7.03
CA HIS A 73 -3.95 12.38 -8.46
C HIS A 73 -5.17 13.06 -9.08
N PRO A 74 -4.94 14.13 -9.85
CA PRO A 74 -6.02 14.89 -10.52
C PRO A 74 -6.97 14.03 -11.34
N SER A 75 -6.49 12.91 -11.86
CA SER A 75 -7.31 12.04 -12.69
C SER A 75 -7.83 10.77 -12.00
N TYR A 76 -7.69 10.74 -10.69
CA TYR A 76 -8.21 9.61 -9.93
C TYR A 76 -9.71 9.50 -10.20
N ASN A 77 -10.20 8.29 -10.50
CA ASN A 77 -11.62 8.09 -10.76
C ASN A 77 -12.10 7.10 -9.71
N SER A 78 -12.94 7.54 -8.78
CA SER A 78 -13.41 6.65 -7.71
C SER A 78 -14.26 5.47 -8.18
N ASN A 79 -14.82 5.57 -9.37
CA ASN A 79 -15.66 4.48 -9.87
C ASN A 79 -14.87 3.32 -10.45
N THR A 80 -13.74 3.62 -11.07
CA THR A 80 -12.92 2.59 -11.69
C THR A 80 -11.62 2.33 -10.91
N LEU A 81 -11.27 3.26 -10.04
CA LEU A 81 -10.05 3.20 -9.24
C LEU A 81 -8.81 3.39 -10.13
N ASN A 82 -9.01 3.94 -11.31
CA ASN A 82 -7.87 4.22 -12.18
C ASN A 82 -7.11 5.41 -11.54
N ASN A 83 -5.78 5.40 -11.63
CA ASN A 83 -4.94 6.46 -11.02
C ASN A 83 -5.16 6.56 -9.51
N ASP A 84 -5.19 5.40 -8.87
CA ASP A 84 -5.41 5.34 -7.43
C ASP A 84 -4.10 5.57 -6.69
N ILE A 85 -3.66 6.82 -6.64
CA ILE A 85 -2.41 7.16 -5.98
C ILE A 85 -2.52 8.58 -5.38
N MET A 86 -1.90 8.74 -4.21
CA MET A 86 -1.93 10.00 -3.48
C MET A 86 -0.57 10.28 -2.83
N LEU A 87 -0.19 11.55 -2.77
CA LEU A 87 1.05 11.94 -2.15
C LEU A 87 0.71 12.71 -0.87
N ILE A 88 1.42 12.43 0.22
CA ILE A 88 1.18 13.14 1.46
C ILE A 88 2.44 13.83 1.89
N LYS A 89 2.37 15.14 2.14
CA LYS A 89 3.54 15.87 2.60
C LYS A 89 3.45 15.93 4.13
N LEU A 90 4.56 15.64 4.81
CA LEU A 90 4.58 15.69 6.27
C LEU A 90 4.78 17.12 6.76
N LYS A 91 4.17 17.46 7.90
CA LYS A 91 4.30 18.82 8.47
C LYS A 91 5.76 19.16 8.78
N SER A 92 6.52 18.16 9.19
CA SER A 92 7.96 18.32 9.46
C SER A 92 8.63 17.03 8.98
N ALA A 93 9.92 17.12 8.67
CA ALA A 93 10.68 16.00 8.16
C ALA A 93 10.81 14.91 9.21
N ALA A 94 10.77 13.66 8.78
CA ALA A 94 10.93 12.55 9.71
C ALA A 94 12.42 12.39 9.95
N SER A 95 12.77 11.76 11.08
CA SER A 95 14.18 11.48 11.38
C SER A 95 14.47 10.13 10.79
N LEU A 96 15.36 10.08 9.80
CA LEU A 96 15.66 8.80 9.19
C LEU A 96 16.77 8.10 9.95
N ASN A 97 16.63 6.79 10.11
CA ASN A 97 17.61 5.96 10.81
C ASN A 97 17.45 4.52 10.34
N SER A 98 17.92 3.58 11.14
CA SER A 98 17.81 2.17 10.77
C SER A 98 16.36 1.70 10.87
N ARG A 99 15.59 2.26 11.80
CA ARG A 99 14.20 1.83 11.95
C ARG A 99 13.20 2.65 11.10
N VAL A 100 13.66 3.76 10.53
CA VAL A 100 12.78 4.58 9.68
C VAL A 100 13.59 5.01 8.47
N ALA A 101 13.24 4.47 7.31
CA ALA A 101 13.98 4.75 6.08
C ALA A 101 13.05 4.84 4.89
N SER A 102 13.48 5.50 3.82
CA SER A 102 12.61 5.63 2.66
C SER A 102 12.86 4.49 1.68
N ILE A 103 11.93 4.28 0.77
CA ILE A 103 12.07 3.22 -0.22
C ILE A 103 12.28 3.91 -1.58
N SER A 104 13.09 3.34 -2.45
CA SER A 104 13.34 3.96 -3.76
C SER A 104 12.21 3.75 -4.76
N LEU A 105 12.03 4.73 -5.62
CA LEU A 105 11.04 4.65 -6.68
C LEU A 105 11.70 3.88 -7.83
N PRO A 106 10.91 3.13 -8.59
CA PRO A 106 11.41 2.34 -9.71
C PRO A 106 11.88 3.15 -10.92
N THR A 107 12.83 2.60 -11.67
CA THR A 107 13.33 3.27 -12.86
C THR A 107 12.68 2.58 -14.06
N SER A 108 12.19 1.37 -13.84
CA SER A 108 11.53 0.60 -14.88
C SER A 108 10.46 -0.27 -14.23
N CYS A 109 9.46 -0.67 -15.00
CA CYS A 109 8.41 -1.52 -14.47
C CYS A 109 8.93 -2.93 -14.25
N ALA A 110 8.25 -3.68 -13.36
CA ALA A 110 8.64 -5.03 -13.06
C ALA A 110 7.95 -5.96 -14.05
N SER A 111 8.47 -7.16 -14.22
CA SER A 111 7.84 -8.09 -15.13
C SER A 111 7.12 -9.22 -14.37
N ALA A 112 6.25 -9.92 -15.07
CA ALA A 112 5.50 -11.03 -14.48
C ALA A 112 6.49 -12.01 -13.84
N GLY A 113 6.08 -12.67 -12.77
CA GLY A 113 6.95 -13.61 -12.10
C GLY A 113 7.88 -12.96 -11.07
N THR A 114 8.04 -11.64 -11.11
CA THR A 114 8.90 -10.98 -10.13
C THR A 114 8.35 -11.15 -8.73
N GLN A 115 9.20 -11.54 -7.78
CA GLN A 115 8.77 -11.75 -6.39
C GLN A 115 8.76 -10.42 -5.62
N CYS A 116 7.69 -10.14 -4.89
CA CYS A 116 7.63 -8.88 -4.14
C CYS A 116 7.17 -9.08 -2.71
N LEU A 117 7.38 -8.06 -1.88
CA LEU A 117 6.98 -8.09 -0.49
C LEU A 117 5.87 -7.08 -0.29
N ILE A 118 4.74 -7.54 0.26
CA ILE A 118 3.59 -6.71 0.56
C ILE A 118 3.45 -6.78 2.08
N SER A 119 3.15 -5.65 2.70
CA SER A 119 3.04 -5.61 4.16
C SER A 119 1.90 -4.70 4.62
N GLY A 120 1.42 -4.91 5.84
CA GLY A 120 0.34 -4.10 6.34
C GLY A 120 -0.32 -4.64 7.60
N TRP A 121 -1.24 -3.85 8.13
CA TRP A 121 -1.97 -4.18 9.33
C TRP A 121 -3.44 -4.53 9.03
N GLY A 122 -3.71 -4.93 7.79
CA GLY A 122 -5.06 -5.25 7.41
C GLY A 122 -5.56 -6.58 7.97
N ASN A 123 -6.81 -6.89 7.66
CA ASN A 123 -7.48 -8.10 8.10
C ASN A 123 -6.63 -9.31 7.74
N THR A 124 -6.55 -10.28 8.67
CA THR A 124 -5.77 -11.48 8.41
C THR A 124 -6.65 -12.70 8.10
N LYS A 125 -7.95 -12.49 7.94
CA LYS A 125 -8.86 -13.60 7.65
C LYS A 125 -9.67 -13.37 6.37
N SER A 126 -9.66 -14.36 5.48
CA SER A 126 -10.39 -14.26 4.22
C SER A 126 -11.89 -14.32 4.48
N SER A 127 -12.26 -14.85 5.64
CA SER A 127 -13.66 -14.94 6.02
C SER A 127 -13.79 -14.52 7.49
N GLY A 128 -14.31 -13.31 7.70
CA GLY A 128 -14.47 -12.80 9.05
C GLY A 128 -13.55 -11.62 9.25
N THR A 129 -13.47 -11.11 10.48
CA THR A 129 -12.62 -9.96 10.78
C THR A 129 -11.67 -10.17 11.94
N SER A 130 -10.38 -9.99 11.68
CA SER A 130 -9.36 -10.14 12.72
C SER A 130 -8.16 -9.26 12.38
N TYR A 131 -8.08 -8.10 13.03
CA TYR A 131 -6.99 -7.17 12.80
C TYR A 131 -5.84 -7.46 13.73
N PRO A 132 -4.61 -7.53 13.19
CA PRO A 132 -3.44 -7.82 14.02
C PRO A 132 -2.89 -6.59 14.74
N ASP A 133 -2.08 -6.82 15.76
CA ASP A 133 -1.48 -5.70 16.47
C ASP A 133 -0.18 -5.35 15.74
N VAL A 134 0.53 -6.40 15.29
CA VAL A 134 1.81 -6.21 14.63
C VAL A 134 1.76 -6.32 13.11
N LEU A 135 2.78 -5.77 12.47
CA LEU A 135 2.88 -5.72 11.01
C LEU A 135 3.04 -7.11 10.40
N LYS A 136 2.22 -7.42 9.40
CA LYS A 136 2.29 -8.71 8.71
C LYS A 136 2.93 -8.54 7.35
N CYS A 137 3.60 -9.59 6.87
CA CYS A 137 4.32 -9.58 5.60
C CYS A 137 3.84 -10.75 4.71
N LEU A 138 3.99 -10.60 3.38
CA LEU A 138 3.61 -11.63 2.43
C LEU A 138 4.46 -11.48 1.18
N LYS A 139 5.05 -12.59 0.72
CA LYS A 139 5.84 -12.54 -0.51
C LYS A 139 4.88 -13.00 -1.59
N ALA A 140 4.80 -12.25 -2.68
CA ALA A 140 3.84 -12.59 -3.73
C ALA A 140 4.41 -12.21 -5.07
N PRO A 141 4.11 -12.98 -6.11
CA PRO A 141 4.64 -12.66 -7.43
C PRO A 141 3.66 -11.79 -8.22
N ILE A 142 4.19 -11.02 -9.16
CA ILE A 142 3.37 -10.20 -10.05
C ILE A 142 2.84 -11.18 -11.12
N LEU A 143 1.55 -11.11 -11.43
CA LEU A 143 0.96 -12.01 -12.41
C LEU A 143 1.02 -11.42 -13.82
N SER A 144 0.86 -12.27 -14.84
CA SER A 144 0.88 -11.82 -16.22
C SER A 144 -0.36 -10.98 -16.46
N ASP A 145 -0.27 -10.05 -17.40
CA ASP A 145 -1.44 -9.22 -17.69
C ASP A 145 -2.61 -10.05 -18.20
N SER A 146 -2.31 -11.12 -18.93
CA SER A 146 -3.40 -11.95 -19.44
C SER A 146 -4.15 -12.62 -18.30
N SER A 147 -3.44 -13.13 -17.29
CA SER A 147 -4.14 -13.77 -16.18
C SER A 147 -4.91 -12.72 -15.38
N CYS A 148 -4.34 -11.53 -15.27
CA CYS A 148 -4.98 -10.44 -14.51
C CYS A 148 -6.28 -10.04 -15.21
N LYS A 149 -6.21 -9.80 -16.51
CA LYS A 149 -7.41 -9.42 -17.24
C LYS A 149 -8.46 -10.51 -17.30
N SER A 150 -8.05 -11.77 -17.23
CA SER A 150 -9.02 -12.86 -17.23
C SER A 150 -9.76 -12.93 -15.92
N ALA A 151 -9.08 -12.60 -14.82
CA ALA A 151 -9.71 -12.64 -13.50
C ALA A 151 -10.70 -11.48 -13.29
N TYR A 152 -10.40 -10.34 -13.89
CA TYR A 152 -11.23 -9.14 -13.74
C TYR A 152 -11.49 -8.52 -15.11
N PRO A 153 -12.20 -9.24 -16.00
CA PRO A 153 -12.46 -8.69 -17.34
C PRO A 153 -13.05 -7.28 -17.36
N GLY A 154 -12.48 -6.44 -18.22
CA GLY A 154 -12.95 -5.07 -18.36
C GLY A 154 -12.72 -4.13 -17.18
N GLN A 155 -11.99 -4.58 -16.16
CA GLN A 155 -11.75 -3.74 -14.98
C GLN A 155 -10.29 -3.35 -14.75
N ILE A 156 -9.39 -3.90 -15.56
CA ILE A 156 -7.97 -3.64 -15.38
C ILE A 156 -7.48 -2.60 -16.39
N THR A 157 -6.94 -1.50 -15.91
CA THR A 157 -6.43 -0.50 -16.84
C THR A 157 -4.92 -0.69 -16.91
N SER A 158 -4.27 0.09 -17.75
CA SER A 158 -2.82 -0.03 -17.87
C SER A 158 -2.07 0.48 -16.63
N ASN A 159 -2.81 1.07 -15.69
CA ASN A 159 -2.21 1.60 -14.46
C ASN A 159 -2.37 0.68 -13.25
N MET A 160 -2.66 -0.59 -13.51
CA MET A 160 -2.86 -1.57 -12.46
C MET A 160 -2.18 -2.87 -12.86
N PHE A 161 -1.86 -3.69 -11.87
CA PHE A 161 -1.31 -5.01 -12.14
C PHE A 161 -1.85 -5.89 -11.02
N CYS A 162 -1.87 -7.19 -11.27
CA CYS A 162 -2.34 -8.13 -10.27
C CYS A 162 -1.12 -8.79 -9.65
N ALA A 163 -1.23 -9.19 -8.41
CA ALA A 163 -0.13 -9.88 -7.77
C ALA A 163 -0.77 -10.83 -6.79
N GLY A 164 -0.18 -12.01 -6.60
CA GLY A 164 -0.77 -12.93 -5.64
C GLY A 164 -0.78 -14.37 -6.09
N TYR A 165 -1.77 -15.10 -5.59
CA TYR A 165 -1.90 -16.53 -5.86
C TYR A 165 -3.30 -16.91 -6.30
N LEU A 166 -3.41 -17.49 -7.48
CA LEU A 166 -4.71 -17.87 -7.99
C LEU A 166 -5.41 -18.96 -7.17
N GLU A 167 -4.65 -19.77 -6.45
CA GLU A 167 -5.23 -20.84 -5.64
C GLU A 167 -5.91 -20.35 -4.36
N GLY A 168 -5.74 -19.06 -4.05
CA GLY A 168 -6.35 -18.50 -2.85
C GLY A 168 -5.51 -18.69 -1.60
N GLY A 169 -5.96 -18.14 -0.47
CA GLY A 169 -5.24 -18.28 0.79
C GLY A 169 -4.19 -17.27 1.19
N LYS A 170 -3.69 -16.49 0.24
CA LYS A 170 -2.65 -15.49 0.52
C LYS A 170 -2.99 -14.22 -0.26
N ASP A 171 -3.17 -13.10 0.44
CA ASP A 171 -3.57 -11.87 -0.25
C ASP A 171 -3.48 -10.66 0.68
N SER A 172 -3.56 -9.46 0.14
CA SER A 172 -3.61 -8.28 1.00
C SER A 172 -5.14 -8.21 1.26
N CYS A 173 -5.58 -7.36 2.21
CA CYS A 173 -7.01 -7.29 2.54
C CYS A 173 -7.37 -5.93 3.16
N GLN A 174 -8.61 -5.75 3.61
CA GLN A 174 -9.02 -4.47 4.19
C GLN A 174 -8.08 -3.99 5.29
N GLY A 175 -7.64 -2.74 5.17
CA GLY A 175 -6.72 -2.17 6.12
C GLY A 175 -5.29 -2.11 5.55
N ASP A 176 -5.06 -2.87 4.48
CA ASP A 176 -3.75 -2.89 3.82
C ASP A 176 -3.65 -1.83 2.73
N SER A 177 -4.79 -1.32 2.26
CA SER A 177 -4.81 -0.30 1.21
C SER A 177 -3.78 0.82 1.41
N GLY A 178 -3.14 1.24 0.32
CA GLY A 178 -2.16 2.32 0.40
C GLY A 178 -0.77 1.83 0.69
N GLY A 179 -0.69 0.61 1.19
CA GLY A 179 0.59 0.01 1.55
C GLY A 179 1.50 -0.33 0.38
N PRO A 180 2.76 -0.65 0.67
CA PRO A 180 3.77 -0.98 -0.34
C PRO A 180 3.83 -2.37 -0.94
N VAL A 181 4.20 -2.40 -2.21
CA VAL A 181 4.47 -3.65 -2.90
C VAL A 181 5.90 -3.34 -3.39
N VAL A 182 6.88 -3.96 -2.74
CA VAL A 182 8.29 -3.71 -3.04
C VAL A 182 8.95 -4.91 -3.70
N CYS A 183 9.61 -4.67 -4.83
CA CYS A 183 10.27 -5.75 -5.57
C CYS A 183 11.68 -5.30 -5.92
N SER A 184 12.67 -6.10 -5.51
CA SER A 184 14.06 -5.79 -5.78
C SER A 184 14.43 -4.44 -5.19
N GLY A 185 13.92 -4.14 -4.01
CA GLY A 185 14.25 -2.87 -3.40
C GLY A 185 13.58 -1.63 -3.97
N LYS A 186 12.66 -1.80 -4.90
CA LYS A 186 11.95 -0.63 -5.48
C LYS A 186 10.44 -0.73 -5.22
N LEU A 187 9.80 0.42 -4.95
CA LEU A 187 8.34 0.44 -4.72
C LEU A 187 7.63 0.27 -6.07
N GLN A 188 7.10 -0.92 -6.37
CA GLN A 188 6.42 -1.11 -7.66
C GLN A 188 4.90 -1.00 -7.59
N GLY A 189 4.34 -1.21 -6.40
CA GLY A 189 2.90 -1.12 -6.31
C GLY A 189 2.34 -0.52 -5.06
N ILE A 190 1.05 -0.19 -5.12
CA ILE A 190 0.31 0.34 -3.98
C ILE A 190 -0.94 -0.52 -3.84
N VAL A 191 -1.19 -1.02 -2.64
CA VAL A 191 -2.37 -1.86 -2.39
C VAL A 191 -3.64 -1.07 -2.75
N SER A 192 -4.42 -1.58 -3.68
CA SER A 192 -5.61 -0.85 -4.12
C SER A 192 -6.95 -1.57 -3.92
N TRP A 193 -7.21 -2.64 -4.68
CA TRP A 193 -8.50 -3.31 -4.54
C TRP A 193 -8.46 -4.79 -4.91
N GLY A 194 -9.60 -5.44 -4.77
CA GLY A 194 -9.70 -6.86 -5.09
C GLY A 194 -11.11 -7.29 -4.78
N SER A 195 -11.45 -8.52 -5.19
CA SER A 195 -12.77 -9.05 -4.92
C SER A 195 -12.62 -9.94 -3.71
N GLY A 196 -13.09 -9.45 -2.56
CA GLY A 196 -12.94 -10.20 -1.32
C GLY A 196 -11.46 -10.24 -0.98
N CYS A 197 -11.02 -11.24 -0.22
CA CYS A 197 -9.60 -11.39 0.11
C CYS A 197 -9.24 -12.86 0.06
N ALA A 198 -8.10 -13.15 -0.55
CA ALA A 198 -7.57 -14.49 -0.67
C ALA A 198 -8.53 -15.49 -1.30
N GLN A 199 -9.43 -15.01 -2.14
CA GLN A 199 -10.38 -15.87 -2.85
C GLN A 199 -9.72 -16.46 -4.10
N LYS A 200 -10.08 -17.71 -4.41
CA LYS A 200 -9.54 -18.38 -5.58
C LYS A 200 -9.86 -17.60 -6.85
N ASN A 201 -8.89 -17.50 -7.75
CA ASN A 201 -9.03 -16.80 -9.02
C ASN A 201 -9.34 -15.31 -8.88
N LYS A 202 -9.13 -14.75 -7.69
CA LYS A 202 -9.38 -13.33 -7.49
C LYS A 202 -8.17 -12.73 -6.81
N PRO A 203 -7.10 -12.49 -7.57
CA PRO A 203 -5.90 -11.91 -6.97
C PRO A 203 -6.05 -10.42 -6.61
N GLY A 204 -5.14 -9.92 -5.80
CA GLY A 204 -5.18 -8.51 -5.44
C GLY A 204 -4.79 -7.65 -6.63
N VAL A 205 -5.32 -6.43 -6.68
CA VAL A 205 -5.00 -5.50 -7.77
C VAL A 205 -4.26 -4.32 -7.16
N TYR A 206 -3.19 -3.90 -7.83
CA TYR A 206 -2.35 -2.84 -7.32
C TYR A 206 -2.07 -1.73 -8.30
N THR A 207 -1.92 -0.51 -7.79
CA THR A 207 -1.61 0.65 -8.60
C THR A 207 -0.17 0.45 -9.10
N LYS A 208 0.02 0.61 -10.41
CA LYS A 208 1.34 0.41 -11.04
C LYS A 208 2.21 1.68 -10.94
N VAL A 209 3.01 1.76 -9.87
CA VAL A 209 3.85 2.92 -9.59
C VAL A 209 4.82 3.38 -10.69
N CYS A 210 5.39 2.45 -11.44
CA CYS A 210 6.34 2.84 -12.49
C CYS A 210 5.68 3.79 -13.52
N ASN A 211 4.36 3.81 -13.62
CA ASN A 211 3.71 4.71 -14.56
C ASN A 211 3.59 6.14 -14.01
N TYR A 212 3.90 6.31 -12.72
CA TYR A 212 3.75 7.62 -12.08
C TYR A 212 5.02 8.28 -11.61
N VAL A 213 6.17 7.66 -11.86
CA VAL A 213 7.42 8.25 -11.39
C VAL A 213 7.59 9.71 -11.79
N SER A 214 7.29 10.04 -13.05
CA SER A 214 7.42 11.42 -13.51
C SER A 214 6.50 12.39 -12.78
N TRP A 215 5.25 11.96 -12.61
CA TRP A 215 4.26 12.79 -11.95
C TRP A 215 4.67 13.00 -10.49
N ILE A 216 5.11 11.94 -9.84
CA ILE A 216 5.53 12.07 -8.44
C ILE A 216 6.66 13.08 -8.30
N LYS A 217 7.70 12.92 -9.12
CA LYS A 217 8.82 13.83 -9.04
C LYS A 217 8.46 15.28 -9.32
N GLN A 218 7.67 15.53 -10.37
CA GLN A 218 7.29 16.89 -10.69
C GLN A 218 6.43 17.51 -9.61
N THR A 219 5.53 16.69 -9.05
CA THR A 219 4.67 17.18 -7.99
C THR A 219 5.44 17.54 -6.72
N ILE A 220 6.34 16.66 -6.32
CA ILE A 220 7.13 16.92 -5.14
C ILE A 220 7.99 18.17 -5.33
N ALA A 221 8.57 18.31 -6.53
CA ALA A 221 9.44 19.45 -6.83
C ALA A 221 8.74 20.81 -6.75
N SER A 222 7.45 20.85 -7.05
CA SER A 222 6.74 22.10 -7.00
C SER A 222 5.95 22.35 -5.72
N ASN A 223 6.12 21.48 -4.72
CA ASN A 223 5.39 21.66 -3.45
C ASN A 223 6.33 21.64 -2.24
N SER B 1 -16.47 -6.15 -5.81
CA SER B 1 -15.05 -5.80 -5.51
C SER B 1 -15.00 -4.55 -4.63
N CYS B 2 -14.09 -4.56 -3.66
CA CYS B 2 -13.94 -3.45 -2.75
C CYS B 2 -12.48 -3.02 -2.61
N THR B 3 -12.28 -1.74 -2.27
CA THR B 3 -10.94 -1.24 -2.04
C THR B 3 -10.56 -1.89 -0.71
N ARG B 4 -9.27 -1.94 -0.41
CA ARG B 4 -8.82 -2.58 0.82
C ARG B 4 -8.48 -1.63 1.98
N SER B 5 -9.35 -0.62 2.14
CA SER B 5 -9.21 0.38 3.18
C SER B 5 -10.20 0.04 4.32
N ILE B 6 -10.13 0.82 5.41
CA ILE B 6 -11.03 0.65 6.54
C ILE B 6 -11.82 1.97 6.73
N PRO B 7 -13.13 1.98 6.39
CA PRO B 7 -13.88 0.85 5.84
C PRO B 7 -13.69 0.71 4.32
N PRO B 8 -14.00 -0.47 3.76
CA PRO B 8 -13.84 -0.67 2.33
C PRO B 8 -14.88 0.11 1.52
N GLN B 9 -14.55 0.42 0.28
CA GLN B 9 -15.45 1.13 -0.63
C GLN B 9 -15.73 0.14 -1.75
N CYS B 10 -16.99 -0.25 -1.89
CA CYS B 10 -17.38 -1.21 -2.92
C CYS B 10 -18.38 -0.62 -3.90
CA CA C . 3.66 1.12 18.47
#